data_4OIV
#
_entry.id   4OIV
#
_cell.length_a   84.625
_cell.length_b   84.625
_cell.length_c   172.234
_cell.angle_alpha   90.00
_cell.angle_beta   90.00
_cell.angle_gamma   90.00
#
_symmetry.space_group_name_H-M   'P 41 21 2'
#
loop_
_entity.id
_entity.type
_entity.pdbx_description
1 polymer 'Bile acid receptor'
2 non-polymer N-benzyl-N-(3-tert-butyl-4-hydroxyphenyl)-2,6-dichloro-4-(dimethylamino)benzamide
3 water water
#
_entity_poly.entity_id   1
_entity_poly.type   'polypeptide(L)'
_entity_poly.pdbx_seq_one_letter_code
;ELTPDQQTLLHFIMDSYNKQRMPQEITNKILKEEFSAEENFLILTEMATNHVQVLVEFTKKLPGFQTLDHEDQIALLKGS
AVEAMFLRSAEIFNKKLPSGHSDLLEERIRNSGISDEYITPMFSFYKSIGELKMTQEEYALLTAIVILSPDRQYIKDREA
VEKLQEPLLDVLQKLCKIHQPENPQHFAELLGRLTELRTFNHHHAEMLMSWRVNDHKFTPLLEEIW
;
_entity_poly.pdbx_strand_id   A,B
#
# COMPACT_ATOMS: atom_id res chain seq x y z
N GLU A 1 16.04 -27.82 -33.39
CA GLU A 1 17.36 -27.15 -33.15
C GLU A 1 17.74 -27.00 -31.66
N LEU A 2 16.78 -26.86 -30.71
CA LEU A 2 17.20 -26.88 -29.30
C LEU A 2 17.67 -28.30 -28.99
N THR A 3 18.76 -28.45 -28.26
CA THR A 3 19.20 -29.77 -27.76
C THR A 3 18.22 -30.28 -26.69
N PRO A 4 18.20 -31.60 -26.44
CA PRO A 4 17.33 -32.08 -25.34
C PRO A 4 17.61 -31.34 -24.04
N ASP A 5 18.87 -31.06 -23.73
CA ASP A 5 19.19 -30.38 -22.48
C ASP A 5 18.65 -28.94 -22.48
N GLN A 6 18.73 -28.28 -23.63
CA GLN A 6 18.16 -26.92 -23.80
C GLN A 6 16.63 -26.99 -23.65
N GLN A 7 16.01 -28.04 -24.14
CA GLN A 7 14.54 -28.16 -23.97
C GLN A 7 14.22 -28.31 -22.48
N THR A 8 15.00 -29.11 -21.76
CA THR A 8 14.83 -29.25 -20.34
C THR A 8 14.91 -27.89 -19.58
N LEU A 9 15.98 -27.13 -19.89
CA LEU A 9 16.13 -25.78 -19.36
C LEU A 9 14.89 -24.93 -19.71
N LEU A 10 14.47 -24.91 -20.98
CA LEU A 10 13.39 -24.00 -21.40
C LEU A 10 12.11 -24.36 -20.71
N HIS A 11 11.74 -25.67 -20.69
CA HIS A 11 10.49 -25.99 -20.06
C HIS A 11 10.49 -25.67 -18.56
N PHE A 12 11.64 -25.81 -17.92
CA PHE A 12 11.74 -25.44 -16.51
C PHE A 12 11.56 -23.94 -16.27
N ILE A 13 12.25 -23.17 -17.09
CA ILE A 13 12.11 -21.70 -17.01
C ILE A 13 10.65 -21.32 -17.27
N MET A 14 9.96 -21.95 -18.21
CA MET A 14 8.58 -21.57 -18.56
C MET A 14 7.61 -21.95 -17.43
N ASP A 15 7.80 -23.13 -16.84
CA ASP A 15 7.02 -23.47 -15.70
C ASP A 15 7.17 -22.48 -14.54
N SER A 16 8.39 -22.07 -14.22
CA SER A 16 8.65 -21.05 -13.21
C SER A 16 8.05 -19.68 -13.60
N TYR A 17 8.10 -19.31 -14.87
CA TYR A 17 7.55 -18.01 -15.29
C TYR A 17 6.01 -17.99 -15.25
N ASN A 18 5.37 -19.13 -15.43
CA ASN A 18 3.92 -19.21 -15.45
C ASN A 18 3.29 -19.47 -14.10
N LYS A 19 3.90 -18.99 -13.04
CA LYS A 19 3.19 -19.08 -11.76
C LYS A 19 2.45 -17.81 -11.31
N SER A 36 -10.64 8.49 -10.38
CA SER A 36 -9.82 9.50 -9.75
C SER A 36 -8.33 9.08 -9.84
N ALA A 37 -7.50 10.10 -9.88
CA ALA A 37 -6.04 9.91 -9.95
C ALA A 37 -5.49 9.12 -8.76
N GLU A 38 -5.95 9.42 -7.55
CA GLU A 38 -5.47 8.65 -6.37
C GLU A 38 -5.84 7.22 -6.48
N GLU A 39 -7.07 6.97 -6.90
CA GLU A 39 -7.51 5.62 -7.00
C GLU A 39 -6.77 4.84 -8.10
N ASN A 40 -6.50 5.51 -9.21
CA ASN A 40 -5.74 4.87 -10.32
C ASN A 40 -4.33 4.61 -9.85
N PHE A 41 -3.78 5.56 -9.08
CA PHE A 41 -2.39 5.33 -8.54
C PHE A 41 -2.36 4.08 -7.63
N LEU A 42 -3.35 3.96 -6.74
CA LEU A 42 -3.42 2.77 -5.88
C LEU A 42 -3.54 1.48 -6.73
N ILE A 43 -4.44 1.46 -7.73
CA ILE A 43 -4.59 0.30 -8.56
C ILE A 43 -3.27 -0.13 -9.23
N LEU A 44 -2.58 0.85 -9.78
CA LEU A 44 -1.29 0.57 -10.49
C LEU A 44 -0.27 0.09 -9.47
N THR A 45 -0.18 0.72 -8.31
CA THR A 45 0.86 0.26 -7.37
C THR A 45 0.55 -1.09 -6.78
N GLU A 46 -0.75 -1.44 -6.70
CA GLU A 46 -1.16 -2.78 -6.33
C GLU A 46 -0.74 -3.82 -7.38
N MET A 47 -0.94 -3.48 -8.63
CA MET A 47 -0.48 -4.41 -9.70
C MET A 47 1.05 -4.61 -9.61
N ALA A 48 1.76 -3.51 -9.50
CA ALA A 48 3.25 -3.58 -9.41
C ALA A 48 3.69 -4.36 -8.16
N THR A 49 2.98 -4.19 -7.05
CA THR A 49 3.19 -4.99 -5.84
C THR A 49 3.14 -6.51 -6.13
N ASN A 50 2.10 -6.96 -6.83
CA ASN A 50 2.02 -8.31 -7.29
C ASN A 50 3.22 -8.65 -8.20
N HIS A 51 3.61 -7.76 -9.12
CA HIS A 51 4.76 -8.06 -9.98
C HIS A 51 6.06 -8.27 -9.22
N VAL A 52 6.34 -7.47 -8.19
CA VAL A 52 7.59 -7.66 -7.44
C VAL A 52 7.56 -9.07 -6.84
N GLN A 53 6.46 -9.43 -6.23
CA GLN A 53 6.44 -10.77 -5.58
C GLN A 53 6.72 -11.89 -6.62
N VAL A 54 6.03 -11.81 -7.76
CA VAL A 54 6.23 -12.83 -8.83
C VAL A 54 7.68 -12.87 -9.27
N LEU A 55 8.22 -11.67 -9.48
CA LEU A 55 9.61 -11.58 -9.93
C LEU A 55 10.55 -12.19 -8.91
N VAL A 56 10.31 -11.94 -7.64
CA VAL A 56 11.23 -12.49 -6.62
C VAL A 56 11.13 -14.04 -6.56
N GLU A 57 9.92 -14.60 -6.67
CA GLU A 57 9.77 -16.06 -6.71
C GLU A 57 10.41 -16.67 -7.96
N PHE A 58 10.26 -16.01 -9.10
CA PHE A 58 10.91 -16.46 -10.33
C PHE A 58 12.43 -16.44 -10.14
N THR A 59 12.98 -15.38 -9.53
CA THR A 59 14.42 -15.29 -9.33
C THR A 59 14.95 -16.43 -8.47
N LYS A 60 14.17 -16.80 -7.49
CA LYS A 60 14.67 -17.85 -6.55
C LYS A 60 14.73 -19.20 -7.26
N LYS A 61 13.91 -19.34 -8.28
CA LYS A 61 13.91 -20.57 -9.04
C LYS A 61 14.93 -20.62 -10.16
N LEU A 62 15.62 -19.51 -10.47
CA LEU A 62 16.56 -19.60 -11.60
C LEU A 62 17.62 -20.70 -11.37
N PRO A 63 17.89 -21.48 -12.41
CA PRO A 63 18.91 -22.53 -12.29
C PRO A 63 20.23 -21.99 -11.77
N GLY A 64 20.75 -22.59 -10.69
CA GLY A 64 22.03 -22.20 -10.10
C GLY A 64 21.98 -21.04 -9.14
N PHE A 65 20.84 -20.29 -9.07
CA PHE A 65 20.83 -19.02 -8.34
C PHE A 65 21.13 -19.26 -6.86
N GLN A 66 20.50 -20.29 -6.31
CA GLN A 66 20.63 -20.70 -4.90
C GLN A 66 21.98 -21.23 -4.55
N THR A 67 22.84 -21.51 -5.53
CA THR A 67 24.22 -21.92 -5.30
C THR A 67 25.20 -20.77 -5.21
N LEU A 68 24.78 -19.59 -5.65
CA LEU A 68 25.59 -18.40 -5.50
C LEU A 68 25.69 -18.05 -3.99
N ASP A 69 26.74 -17.33 -3.62
CA ASP A 69 26.93 -16.79 -2.28
C ASP A 69 25.74 -15.86 -1.96
N HIS A 70 25.35 -15.86 -0.69
CA HIS A 70 24.15 -15.18 -0.32
C HIS A 70 24.13 -13.67 -0.63
N GLU A 71 25.29 -13.02 -0.50
CA GLU A 71 25.42 -11.60 -0.74
C GLU A 71 25.35 -11.33 -2.24
N ASP A 72 25.89 -12.22 -3.07
CA ASP A 72 25.70 -12.06 -4.48
C ASP A 72 24.24 -12.28 -4.90
N GLN A 73 23.52 -13.24 -4.30
CA GLN A 73 22.09 -13.31 -4.58
C GLN A 73 21.35 -11.99 -4.28
N ILE A 74 21.63 -11.40 -3.13
CA ILE A 74 20.97 -10.14 -2.74
C ILE A 74 21.34 -9.08 -3.78
N ALA A 75 22.63 -8.91 -4.08
CA ALA A 75 23.09 -7.93 -5.09
C ALA A 75 22.45 -8.10 -6.47
N LEU A 76 22.34 -9.34 -6.92
CA LEU A 76 21.75 -9.51 -8.24
C LEU A 76 20.31 -9.05 -8.31
N LEU A 77 19.53 -9.47 -7.32
CA LEU A 77 18.07 -9.17 -7.39
C LEU A 77 17.94 -7.68 -7.17
N LYS A 78 18.67 -7.12 -6.19
CA LYS A 78 18.56 -5.69 -5.98
C LYS A 78 18.92 -4.86 -7.20
N GLY A 79 19.99 -5.24 -7.91
CA GLY A 79 20.58 -4.44 -9.02
C GLY A 79 19.73 -4.62 -10.28
N SER A 80 18.96 -5.72 -10.33
CA SER A 80 18.25 -6.06 -11.60
C SER A 80 16.72 -5.80 -11.50
N ALA A 81 16.24 -5.57 -10.28
CA ALA A 81 14.76 -5.53 -10.05
C ALA A 81 14.08 -4.50 -10.92
N VAL A 82 14.59 -3.26 -10.93
CA VAL A 82 13.99 -2.22 -11.76
C VAL A 82 13.86 -2.64 -13.22
N GLU A 83 14.94 -3.08 -13.81
CA GLU A 83 14.85 -3.54 -15.23
C GLU A 83 13.90 -4.67 -15.47
N ALA A 84 13.89 -5.67 -14.59
CA ALA A 84 12.96 -6.74 -14.71
C ALA A 84 11.54 -6.32 -14.55
N MET A 85 11.32 -5.40 -13.60
CA MET A 85 9.94 -4.81 -13.48
C MET A 85 9.52 -4.04 -14.78
N PHE A 86 10.42 -3.24 -15.34
CA PHE A 86 10.06 -2.47 -16.58
C PHE A 86 9.70 -3.47 -17.68
N LEU A 87 10.48 -4.56 -17.79
CA LEU A 87 10.17 -5.59 -18.82
C LEU A 87 8.82 -6.31 -18.58
N ARG A 88 8.53 -6.66 -17.33
CA ARG A 88 7.21 -7.17 -16.96
C ARG A 88 6.11 -6.18 -17.26
N SER A 89 6.28 -4.91 -16.94
CA SER A 89 5.26 -3.90 -17.31
C SER A 89 5.03 -3.83 -18.80
N ALA A 90 6.10 -3.97 -19.64
CA ALA A 90 5.91 -3.99 -21.10
C ALA A 90 5.10 -5.23 -21.54
N GLU A 91 5.40 -6.41 -21.00
CA GLU A 91 4.64 -7.63 -21.34
C GLU A 91 3.13 -7.46 -21.03
N ILE A 92 2.80 -6.94 -19.85
CA ILE A 92 1.43 -6.68 -19.43
C ILE A 92 0.80 -5.61 -20.26
N PHE A 93 1.50 -4.52 -20.47
CA PHE A 93 0.92 -3.40 -21.17
C PHE A 93 0.55 -3.84 -22.56
N ASN A 94 1.45 -4.60 -23.23
CA ASN A 94 1.13 -4.93 -24.64
C ASN A 94 0.06 -6.03 -24.75
N LYS A 95 -0.29 -6.68 -23.65
CA LYS A 95 -1.41 -7.62 -23.70
C LYS A 95 -2.77 -6.89 -23.73
N LYS A 96 -2.78 -5.58 -23.37
CA LYS A 96 -4.00 -4.75 -23.48
C LYS A 96 -5.22 -5.46 -22.81
N LEU A 97 -5.02 -5.87 -21.56
CA LEU A 97 -5.97 -6.73 -20.86
C LEU A 97 -7.21 -5.97 -20.39
N PRO A 98 -8.36 -6.68 -20.18
CA PRO A 98 -8.55 -8.13 -20.26
C PRO A 98 -8.79 -8.63 -21.69
N SER A 99 -9.10 -7.73 -22.61
CA SER A 99 -9.58 -8.18 -23.94
C SER A 99 -8.51 -8.44 -25.02
N GLY A 100 -7.35 -7.83 -24.87
CA GLY A 100 -6.32 -7.92 -25.90
C GLY A 100 -6.44 -6.65 -26.71
N HIS A 101 -7.49 -5.87 -26.45
CA HIS A 101 -7.66 -4.61 -27.17
C HIS A 101 -8.09 -3.45 -26.28
N SER A 102 -7.95 -3.64 -24.97
CA SER A 102 -8.37 -2.58 -24.04
C SER A 102 -7.32 -1.52 -23.81
N ASP A 103 -7.77 -0.27 -23.87
CA ASP A 103 -6.92 0.88 -23.49
C ASP A 103 -7.05 1.27 -22.01
N LEU A 104 -7.68 0.46 -21.20
CA LEU A 104 -7.93 0.79 -19.77
C LEU A 104 -6.61 1.04 -18.99
N LEU A 105 -5.66 0.15 -19.20
CA LEU A 105 -4.39 0.27 -18.42
C LEU A 105 -3.68 1.56 -18.82
N GLU A 106 -3.62 1.89 -20.11
CA GLU A 106 -3.00 3.13 -20.56
C GLU A 106 -3.75 4.32 -19.99
N GLU A 107 -5.08 4.28 -20.01
CA GLU A 107 -5.83 5.43 -19.41
C GLU A 107 -5.58 5.62 -17.93
N ARG A 108 -5.54 4.52 -17.18
CA ARG A 108 -5.16 4.58 -15.72
C ARG A 108 -3.80 5.19 -15.55
N ILE A 109 -2.78 4.68 -16.27
CA ILE A 109 -1.48 5.33 -16.21
C ILE A 109 -1.45 6.86 -16.50
N ARG A 110 -2.14 7.28 -17.59
CA ARG A 110 -2.21 8.66 -17.94
C ARG A 110 -3.00 9.52 -16.92
N ASN A 111 -3.74 8.90 -16.03
CA ASN A 111 -4.47 9.71 -15.01
C ASN A 111 -4.18 9.16 -13.61
N SER A 112 -2.92 9.12 -13.20
CA SER A 112 -2.55 8.45 -11.94
C SER A 112 -1.67 9.39 -11.14
N GLY A 113 -1.51 10.62 -11.63
CA GLY A 113 -0.59 11.55 -11.08
C GLY A 113 0.89 11.30 -11.44
N ILE A 114 1.24 10.23 -12.16
CA ILE A 114 2.65 10.00 -12.46
C ILE A 114 3.05 10.98 -13.58
N SER A 115 4.22 11.56 -13.42
CA SER A 115 4.72 12.58 -14.31
C SER A 115 5.09 12.07 -15.72
N ASP A 116 4.99 12.95 -16.73
CA ASP A 116 5.33 12.61 -18.10
C ASP A 116 6.78 12.18 -18.15
N GLU A 117 7.61 12.69 -17.24
CA GLU A 117 9.02 12.29 -17.18
C GLU A 117 9.22 10.76 -17.17
N TYR A 118 8.31 10.08 -16.48
CA TYR A 118 8.38 8.65 -16.36
C TYR A 118 7.51 7.93 -17.25
N ILE A 119 6.36 8.48 -17.62
CA ILE A 119 5.44 7.86 -18.54
C ILE A 119 5.95 7.84 -19.95
N THR A 120 6.59 8.92 -20.40
CA THR A 120 6.94 9.01 -21.81
C THR A 120 7.92 7.88 -22.23
N PRO A 121 8.98 7.66 -21.45
CA PRO A 121 9.93 6.64 -21.89
C PRO A 121 9.34 5.27 -21.80
N MET A 122 8.46 5.04 -20.82
CA MET A 122 7.79 3.70 -20.71
C MET A 122 6.94 3.42 -21.91
N PHE A 123 6.11 4.40 -22.28
CA PHE A 123 5.27 4.25 -23.49
C PHE A 123 6.07 4.05 -24.78
N SER A 124 7.21 4.75 -24.89
CA SER A 124 8.06 4.67 -26.06
C SER A 124 8.61 3.24 -26.07
N PHE A 125 9.00 2.74 -24.87
CA PHE A 125 9.53 1.37 -24.84
C PHE A 125 8.44 0.31 -25.16
N TYR A 126 7.21 0.53 -24.73
CA TYR A 126 6.15 -0.45 -24.98
C TYR A 126 5.89 -0.52 -26.47
N LYS A 127 5.93 0.65 -27.13
CA LYS A 127 5.68 0.64 -28.58
C LYS A 127 6.83 -0.09 -29.30
N SER A 128 8.06 0.16 -28.85
CA SER A 128 9.25 -0.36 -29.52
C SER A 128 9.31 -1.88 -29.36
N ILE A 129 9.10 -2.35 -28.13
CA ILE A 129 9.22 -3.78 -27.94
C ILE A 129 7.97 -4.45 -28.51
N GLY A 130 6.84 -3.71 -28.53
CA GLY A 130 5.58 -4.23 -29.13
C GLY A 130 5.77 -4.58 -30.62
N GLU A 131 6.55 -3.79 -31.35
CA GLU A 131 6.82 -4.10 -32.76
C GLU A 131 7.66 -5.38 -32.97
N LEU A 132 8.33 -5.90 -31.93
CA LEU A 132 9.12 -7.14 -32.06
C LEU A 132 8.24 -8.44 -31.93
N LYS A 133 6.95 -8.28 -31.61
CA LYS A 133 6.02 -9.42 -31.47
C LYS A 133 6.63 -10.48 -30.55
N MET A 134 7.01 -10.06 -29.37
CA MET A 134 7.52 -10.93 -28.35
C MET A 134 6.60 -12.16 -28.02
N THR A 135 7.21 -13.31 -27.82
CA THR A 135 6.49 -14.45 -27.21
C THR A 135 6.73 -14.51 -25.73
N GLN A 136 5.95 -15.32 -25.02
CA GLN A 136 6.15 -15.49 -23.60
C GLN A 136 7.55 -16.05 -23.33
N GLU A 137 8.01 -16.96 -24.18
CA GLU A 137 9.32 -17.59 -23.96
C GLU A 137 10.39 -16.53 -24.02
N GLU A 138 10.27 -15.63 -24.98
CA GLU A 138 11.22 -14.47 -25.04
C GLU A 138 11.18 -13.63 -23.81
N TYR A 139 10.00 -13.23 -23.36
CA TYR A 139 9.95 -12.55 -22.08
C TYR A 139 10.59 -13.28 -20.89
N ALA A 140 10.35 -14.60 -20.81
CA ALA A 140 10.83 -15.34 -19.65
C ALA A 140 12.35 -15.40 -19.70
N LEU A 141 12.90 -15.59 -20.92
CA LEU A 141 14.34 -15.76 -21.06
C LEU A 141 14.95 -14.41 -20.89
N LEU A 142 14.32 -13.38 -21.47
CA LEU A 142 14.93 -12.05 -21.29
C LEU A 142 14.89 -11.62 -19.82
N THR A 143 13.84 -11.95 -19.08
CA THR A 143 13.83 -11.61 -17.63
C THR A 143 14.98 -12.32 -16.88
N ALA A 144 15.14 -13.61 -17.16
CA ALA A 144 16.20 -14.41 -16.51
C ALA A 144 17.59 -13.77 -16.84
N ILE A 145 17.79 -13.33 -18.07
CA ILE A 145 19.07 -12.79 -18.56
C ILE A 145 19.33 -11.43 -17.89
N VAL A 146 18.29 -10.64 -17.71
CA VAL A 146 18.43 -9.38 -16.96
C VAL A 146 18.84 -9.61 -15.54
N ILE A 147 18.16 -10.55 -14.88
CA ILE A 147 18.47 -10.81 -13.47
C ILE A 147 19.85 -11.37 -13.18
N LEU A 148 20.30 -12.21 -14.11
CA LEU A 148 21.65 -12.81 -14.02
C LEU A 148 22.68 -12.01 -14.80
N SER A 149 22.58 -10.68 -14.74
CA SER A 149 23.62 -9.81 -15.32
C SER A 149 24.82 -9.78 -14.43
N PRO A 150 26.00 -10.13 -14.98
CA PRO A 150 27.15 -10.22 -14.07
C PRO A 150 27.78 -8.86 -13.83
N ASP A 151 27.33 -7.80 -14.49
CA ASP A 151 28.09 -6.57 -14.34
C ASP A 151 27.49 -5.63 -13.29
N ARG A 152 26.59 -6.07 -12.41
CA ARG A 152 25.93 -5.15 -11.46
C ARG A 152 26.93 -4.71 -10.38
N GLN A 153 26.69 -3.56 -9.76
CA GLN A 153 27.41 -3.20 -8.52
C GLN A 153 27.31 -4.27 -7.46
N TYR A 154 28.35 -4.41 -6.65
CA TYR A 154 28.30 -5.23 -5.44
C TYR A 154 28.23 -6.76 -5.62
N ILE A 155 28.65 -7.29 -6.78
CA ILE A 155 28.66 -8.74 -6.99
C ILE A 155 30.16 -9.10 -6.82
N LYS A 156 30.45 -10.11 -6.00
CA LYS A 156 31.87 -10.56 -5.81
C LYS A 156 32.23 -11.57 -6.89
N ASP A 157 31.44 -12.62 -7.01
CA ASP A 157 31.82 -13.61 -8.00
C ASP A 157 31.14 -13.40 -9.35
N ARG A 158 31.63 -12.48 -10.17
CA ARG A 158 31.00 -12.18 -11.45
C ARG A 158 31.09 -13.35 -12.45
N GLU A 159 32.17 -14.12 -12.36
CA GLU A 159 32.31 -15.24 -13.27
C GLU A 159 31.29 -16.32 -13.04
N ALA A 160 30.91 -16.60 -11.79
CA ALA A 160 29.88 -17.61 -11.54
C ALA A 160 28.52 -17.13 -12.11
N VAL A 161 28.23 -15.84 -11.95
CA VAL A 161 26.94 -15.31 -12.46
C VAL A 161 26.96 -15.43 -14.01
N GLU A 162 28.09 -15.07 -14.60
CA GLU A 162 28.22 -15.11 -16.06
C GLU A 162 27.96 -16.49 -16.56
N LYS A 163 28.42 -17.51 -15.82
CA LYS A 163 28.21 -18.92 -16.21
C LYS A 163 26.74 -19.36 -16.14
N LEU A 164 25.97 -18.75 -15.22
CA LEU A 164 24.56 -19.02 -15.13
C LEU A 164 23.83 -18.33 -16.26
N GLN A 165 24.31 -17.14 -16.64
CA GLN A 165 23.57 -16.35 -17.65
C GLN A 165 23.78 -16.94 -19.06
N GLU A 166 24.98 -17.45 -19.31
CA GLU A 166 25.37 -17.89 -20.66
C GLU A 166 24.42 -18.90 -21.34
N PRO A 167 23.99 -19.99 -20.65
CA PRO A 167 23.07 -20.96 -21.33
C PRO A 167 21.73 -20.36 -21.67
N LEU A 168 21.29 -19.39 -20.85
CA LEU A 168 20.03 -18.69 -21.23
C LEU A 168 20.18 -17.80 -22.46
N LEU A 169 21.28 -17.06 -22.58
CA LEU A 169 21.52 -16.31 -23.83
C LEU A 169 21.52 -17.29 -25.06
N ASP A 170 22.16 -18.45 -24.86
CA ASP A 170 22.30 -19.44 -25.94
C ASP A 170 20.92 -19.98 -26.39
N VAL A 171 20.08 -20.36 -25.41
CA VAL A 171 18.75 -20.81 -25.77
C VAL A 171 18.03 -19.67 -26.50
N LEU A 172 18.14 -18.45 -25.96
CA LEU A 172 17.35 -17.35 -26.58
C LEU A 172 17.80 -17.06 -28.03
N GLN A 173 19.12 -17.03 -28.27
CA GLN A 173 19.64 -16.80 -29.59
C GLN A 173 19.10 -17.94 -30.55
N LYS A 174 19.01 -19.17 -30.05
CA LYS A 174 18.47 -20.25 -30.92
C LYS A 174 17.02 -20.09 -31.20
N LEU A 175 16.26 -19.69 -30.18
CA LEU A 175 14.82 -19.50 -30.35
C LEU A 175 14.56 -18.40 -31.44
N CYS A 176 15.42 -17.39 -31.46
CA CYS A 176 15.32 -16.31 -32.45
C CYS A 176 15.52 -16.87 -33.88
N LYS A 177 16.48 -17.77 -34.06
CA LYS A 177 16.72 -18.42 -35.39
C LYS A 177 15.63 -19.42 -35.78
N ILE A 178 15.07 -20.07 -34.77
CA ILE A 178 13.98 -20.99 -35.03
C ILE A 178 12.70 -20.28 -35.43
N HIS A 179 12.32 -19.26 -34.69
CA HIS A 179 11.03 -18.63 -34.94
C HIS A 179 10.95 -17.38 -35.82
N GLN A 180 12.09 -16.77 -36.09
CA GLN A 180 12.20 -15.59 -36.93
C GLN A 180 13.40 -15.76 -37.91
N PRO A 181 13.49 -16.90 -38.67
CA PRO A 181 14.71 -17.13 -39.46
C PRO A 181 14.85 -16.07 -40.53
N GLU A 182 13.77 -15.47 -40.97
CA GLU A 182 13.88 -14.41 -41.99
C GLU A 182 14.27 -13.02 -41.40
N ASN A 183 14.50 -12.94 -40.06
CA ASN A 183 14.77 -11.63 -39.37
C ASN A 183 15.96 -11.83 -38.52
N PRO A 184 17.14 -11.91 -39.16
CA PRO A 184 18.31 -12.27 -38.37
C PRO A 184 18.67 -11.17 -37.29
N GLN A 185 18.13 -10.00 -37.45
CA GLN A 185 18.35 -8.89 -36.49
C GLN A 185 17.65 -9.18 -35.12
N HIS A 186 16.82 -10.24 -35.02
CA HIS A 186 15.82 -10.23 -33.93
C HIS A 186 16.50 -10.31 -32.56
N PHE A 187 17.52 -11.16 -32.48
CA PHE A 187 18.26 -11.29 -31.18
C PHE A 187 18.93 -9.96 -30.82
N ALA A 188 19.62 -9.35 -31.79
CA ALA A 188 20.20 -8.03 -31.54
C ALA A 188 19.17 -7.01 -31.12
N GLU A 189 18.00 -6.99 -31.72
CA GLU A 189 16.98 -6.05 -31.23
C GLU A 189 16.59 -6.31 -29.75
N LEU A 190 16.48 -7.58 -29.38
CA LEU A 190 16.19 -7.93 -27.93
C LEU A 190 17.30 -7.44 -27.04
N LEU A 191 18.56 -7.59 -27.45
CA LEU A 191 19.61 -7.09 -26.55
C LEU A 191 19.61 -5.58 -26.52
N GLY A 192 19.25 -4.95 -27.64
CA GLY A 192 19.26 -3.49 -27.64
C GLY A 192 18.13 -2.93 -26.76
N ARG A 193 17.02 -3.70 -26.64
CA ARG A 193 15.96 -3.23 -25.73
C ARG A 193 16.48 -3.35 -24.26
N LEU A 194 17.23 -4.40 -23.95
CA LEU A 194 17.86 -4.46 -22.60
C LEU A 194 18.82 -3.29 -22.31
N THR A 195 19.64 -2.85 -23.29
CA THR A 195 20.49 -1.66 -23.08
C THR A 195 19.58 -0.42 -22.83
N GLU A 196 18.45 -0.31 -23.53
CA GLU A 196 17.54 0.86 -23.31
C GLU A 196 17.13 0.83 -21.83
N LEU A 197 16.65 -0.32 -21.39
CA LEU A 197 16.14 -0.34 -19.99
C LEU A 197 17.25 -0.02 -18.99
N ARG A 198 18.46 -0.47 -19.28
CA ARG A 198 19.58 -0.23 -18.39
C ARG A 198 19.88 1.24 -18.32
N THR A 199 19.64 1.98 -19.40
CA THR A 199 20.00 3.41 -19.48
C THR A 199 18.92 4.35 -19.02
N PHE A 200 17.65 3.92 -19.08
CA PHE A 200 16.55 4.72 -18.48
C PHE A 200 16.89 5.10 -17.03
N ASN A 201 16.43 6.30 -16.63
CA ASN A 201 16.54 6.70 -15.24
C ASN A 201 15.77 5.71 -14.32
N HIS A 202 16.44 5.22 -13.28
CA HIS A 202 15.85 4.25 -12.39
C HIS A 202 15.37 4.89 -11.07
N HIS A 203 15.58 6.20 -10.93
CA HIS A 203 15.38 6.80 -9.59
C HIS A 203 13.91 6.67 -9.08
N HIS A 204 12.97 6.96 -9.93
CA HIS A 204 11.54 6.83 -9.59
C HIS A 204 11.12 5.41 -9.24
N ALA A 205 11.51 4.46 -10.08
CA ALA A 205 11.23 3.06 -9.82
C ALA A 205 11.91 2.63 -8.51
N GLU A 206 13.17 3.03 -8.25
CA GLU A 206 13.83 2.68 -6.97
C GLU A 206 13.12 3.23 -5.75
N MET A 207 12.52 4.40 -5.91
CA MET A 207 11.70 5.03 -4.85
C MET A 207 10.45 4.19 -4.56
N LEU A 208 9.81 3.67 -5.60
CA LEU A 208 8.62 2.88 -5.45
C LEU A 208 8.84 1.41 -5.11
N MET A 209 10.06 0.88 -5.33
CA MET A 209 10.27 -0.58 -5.32
C MET A 209 9.98 -1.22 -3.96
N SER A 210 10.08 -0.48 -2.85
CA SER A 210 9.94 -1.12 -1.54
C SER A 210 8.48 -1.01 -1.03
N TRP A 211 7.65 -0.26 -1.74
CA TRP A 211 6.25 -0.02 -1.28
C TRP A 211 5.38 -1.19 -1.65
N ARG A 212 4.40 -1.49 -0.77
CA ARG A 212 3.55 -2.64 -0.97
C ARG A 212 2.09 -2.17 -0.77
N VAL A 213 1.31 -2.32 -1.81
CA VAL A 213 -0.05 -1.74 -1.80
C VAL A 213 -1.05 -2.86 -2.11
N ASN A 214 -2.10 -3.01 -1.29
CA ASN A 214 -3.12 -4.06 -1.54
C ASN A 214 -4.51 -3.53 -1.18
N ASP A 215 -5.51 -3.87 -1.98
CA ASP A 215 -6.88 -3.42 -1.69
C ASP A 215 -7.67 -4.55 -1.02
N HIS A 216 -7.99 -4.37 0.26
CA HIS A 216 -8.59 -5.42 1.10
C HIS A 216 -10.10 -5.16 1.08
N LYS A 217 -10.63 -5.09 -0.12
CA LYS A 217 -12.05 -4.72 -0.30
C LYS A 217 -12.93 -5.94 -0.28
N PHE A 218 -12.41 -7.15 -0.09
CA PHE A 218 -13.27 -8.38 -0.11
C PHE A 218 -13.82 -8.85 1.25
N THR A 219 -13.41 -8.22 2.35
CA THR A 219 -14.00 -8.53 3.67
C THR A 219 -14.51 -7.26 4.24
N PRO A 220 -15.53 -7.36 5.10
CA PRO A 220 -15.85 -6.21 5.93
C PRO A 220 -14.67 -5.92 6.87
N LEU A 221 -14.56 -4.67 7.32
CA LEU A 221 -13.39 -4.27 8.08
C LEU A 221 -13.28 -5.12 9.32
N LEU A 222 -14.42 -5.48 9.95
CA LEU A 222 -14.33 -6.29 11.15
C LEU A 222 -13.64 -7.65 10.95
N GLU A 223 -13.82 -8.29 9.77
CA GLU A 223 -13.30 -9.64 9.56
C GLU A 223 -11.94 -9.63 8.90
N GLU A 224 -11.39 -8.46 8.58
CA GLU A 224 -10.07 -8.44 7.96
C GLU A 224 -8.97 -9.10 8.85
N ILE A 225 -8.04 -9.81 8.22
CA ILE A 225 -6.96 -10.46 8.95
C ILE A 225 -5.70 -9.56 8.88
N TRP A 226 -5.12 -9.21 10.01
CA TRP A 226 -3.91 -8.39 10.11
C TRP A 226 -2.70 -9.31 10.56
N GLU B 1 -16.50 12.01 42.03
CA GLU B 1 -17.82 11.71 41.46
C GLU B 1 -17.92 10.33 40.72
N LEU B 2 -16.85 9.80 40.07
CA LEU B 2 -17.02 8.51 39.37
C LEU B 2 -17.30 7.40 40.37
N THR B 3 -18.06 6.35 40.00
CA THR B 3 -18.25 5.22 40.86
C THR B 3 -17.13 4.23 40.64
N PRO B 4 -16.95 3.27 41.56
CA PRO B 4 -16.01 2.20 41.26
C PRO B 4 -16.20 1.58 39.87
N ASP B 5 -17.46 1.44 39.43
CA ASP B 5 -17.72 0.70 38.18
C ASP B 5 -17.36 1.62 36.97
N GLN B 6 -17.65 2.90 37.13
CA GLN B 6 -17.26 3.98 36.27
C GLN B 6 -15.76 4.19 36.16
N GLN B 7 -15.07 4.21 37.30
CA GLN B 7 -13.62 4.00 37.34
C GLN B 7 -13.13 2.79 36.57
N THR B 8 -13.73 1.61 36.73
CA THR B 8 -13.23 0.48 36.00
C THR B 8 -13.45 0.49 34.46
N LEU B 9 -14.56 1.12 34.07
CA LEU B 9 -14.94 1.24 32.66
C LEU B 9 -13.91 2.12 32.06
N LEU B 10 -13.74 3.31 32.64
CA LEU B 10 -12.71 4.24 32.23
C LEU B 10 -11.30 3.61 32.21
N HIS B 11 -10.94 2.82 33.23
CA HIS B 11 -9.61 2.17 33.28
C HIS B 11 -9.33 1.29 32.06
N PHE B 12 -10.30 0.44 31.69
CA PHE B 12 -10.12 -0.49 30.61
C PHE B 12 -10.22 0.20 29.24
N ILE B 13 -10.99 1.28 29.13
CA ILE B 13 -10.91 2.11 27.92
C ILE B 13 -9.56 2.78 27.73
N MET B 14 -8.99 3.32 28.82
CA MET B 14 -7.64 3.86 28.69
C MET B 14 -6.55 2.88 28.36
N ASP B 15 -6.49 1.70 28.99
CA ASP B 15 -5.48 0.70 28.60
C ASP B 15 -5.60 0.28 27.13
N SER B 16 -6.83 0.13 26.67
CA SER B 16 -6.95 -0.28 25.29
C SER B 16 -6.72 0.92 24.32
N TYR B 17 -7.09 2.15 24.71
CA TYR B 17 -6.72 3.35 23.94
C TYR B 17 -5.23 3.60 23.84
N ASN B 18 -4.50 3.38 24.95
CA ASN B 18 -3.05 3.50 24.93
C ASN B 18 -2.54 2.21 24.30
N LYS B 19 -1.28 1.92 24.15
CA LYS B 19 -1.14 0.59 23.44
C LYS B 19 -1.33 0.69 21.91
N GLN B 20 -2.04 1.76 21.49
CA GLN B 20 -1.85 2.43 20.20
C GLN B 20 -0.38 2.87 20.18
N ARG B 21 0.33 2.56 19.10
CA ARG B 21 1.75 2.87 19.02
C ARG B 21 2.16 2.96 17.57
N MET B 22 2.61 4.14 17.16
CA MET B 22 2.91 4.33 15.71
C MET B 22 4.36 3.89 15.51
N PRO B 23 4.65 2.87 14.70
CA PRO B 23 6.07 2.46 14.55
C PRO B 23 6.99 3.64 14.24
N GLN B 24 8.15 3.69 14.89
CA GLN B 24 9.11 4.77 14.70
C GLN B 24 9.55 4.84 13.25
N GLU B 25 9.47 3.73 12.51
CA GLU B 25 9.88 3.70 11.11
C GLU B 25 8.98 4.67 10.36
N ILE B 26 7.67 4.52 10.56
CA ILE B 26 6.74 5.42 9.92
C ILE B 26 7.02 6.86 10.32
N THR B 27 7.15 7.16 11.63
CA THR B 27 7.36 8.56 12.03
C THR B 27 8.71 9.13 11.56
N ASN B 28 9.68 8.25 11.38
CA ASN B 28 11.02 8.70 10.90
C ASN B 28 11.04 9.14 9.44
N LYS B 29 10.26 8.44 8.60
CA LYS B 29 10.06 8.72 7.17
C LYS B 29 9.59 10.17 6.99
N ILE B 30 8.71 10.60 7.90
CA ILE B 30 8.11 11.95 7.71
C ILE B 30 9.20 13.04 7.55
N LEU B 31 10.27 12.96 8.35
CA LEU B 31 11.38 13.90 8.32
C LEU B 31 12.31 13.55 7.18
N LYS B 32 12.63 12.29 7.03
CA LYS B 32 13.84 11.87 6.29
C LYS B 32 13.63 11.52 4.81
N GLU B 33 12.42 11.09 4.44
CA GLU B 33 12.25 10.68 3.07
C GLU B 33 12.20 11.86 2.10
N GLU B 34 12.43 11.52 0.84
CA GLU B 34 12.16 12.40 -0.31
C GLU B 34 10.74 13.02 -0.23
N PHE B 35 10.64 14.31 -0.59
CA PHE B 35 9.36 14.99 -0.71
C PHE B 35 9.03 15.03 -2.16
N SER B 36 8.06 14.22 -2.56
CA SER B 36 7.57 14.19 -3.94
C SER B 36 6.10 13.79 -3.74
N ALA B 37 5.19 14.17 -4.67
CA ALA B 37 3.78 13.86 -4.49
C ALA B 37 3.53 12.37 -4.23
N GLU B 38 4.20 11.47 -4.95
CA GLU B 38 3.92 10.03 -4.74
C GLU B 38 4.46 9.53 -3.44
N GLU B 39 5.73 9.87 -3.11
CA GLU B 39 6.24 9.48 -1.79
C GLU B 39 5.37 10.07 -0.63
N ASN B 40 4.93 11.31 -0.75
CA ASN B 40 4.12 11.93 0.28
C ASN B 40 2.80 11.15 0.43
N PHE B 41 2.15 10.86 -0.72
CA PHE B 41 0.92 10.09 -0.61
C PHE B 41 1.13 8.72 0.06
N LEU B 42 2.15 7.97 -0.35
CA LEU B 42 2.42 6.65 0.23
C LEU B 42 2.76 6.74 1.74
N ILE B 43 3.46 7.78 2.14
CA ILE B 43 3.70 7.94 3.57
C ILE B 43 2.39 8.24 4.37
N LEU B 44 1.52 9.12 3.87
CA LEU B 44 0.29 9.43 4.59
C LEU B 44 -0.59 8.16 4.57
N THR B 45 -0.65 7.45 3.45
CA THR B 45 -1.54 6.30 3.42
C THR B 45 -1.00 5.13 4.28
N GLU B 46 0.34 5.09 4.45
CA GLU B 46 0.88 4.07 5.34
C GLU B 46 0.52 4.39 6.77
N MET B 47 0.62 5.64 7.15
CA MET B 47 0.14 6.04 8.49
C MET B 47 -1.32 5.75 8.70
N ALA B 48 -2.15 6.06 7.69
CA ALA B 48 -3.56 5.81 7.86
C ALA B 48 -3.83 4.32 7.92
N THR B 49 -3.04 3.52 7.21
CA THR B 49 -3.19 2.10 7.28
C THR B 49 -2.95 1.58 8.70
N ASN B 50 -1.93 2.15 9.33
CA ASN B 50 -1.69 1.81 10.76
C ASN B 50 -2.93 2.22 11.65
N HIS B 51 -3.49 3.38 11.38
CA HIS B 51 -4.66 3.88 12.12
C HIS B 51 -5.87 2.98 11.93
N VAL B 52 -6.14 2.44 10.72
CA VAL B 52 -7.30 1.59 10.59
C VAL B 52 -7.10 0.38 11.50
N GLN B 53 -5.90 -0.19 11.46
CA GLN B 53 -5.67 -1.37 12.28
C GLN B 53 -5.93 -1.08 13.76
N VAL B 54 -5.33 0.00 14.24
CA VAL B 54 -5.48 0.40 15.64
C VAL B 54 -6.99 0.63 15.99
N LEU B 55 -7.71 1.20 15.03
CA LEU B 55 -9.11 1.49 15.22
C LEU B 55 -9.97 0.21 15.36
N VAL B 56 -9.71 -0.75 14.49
CA VAL B 56 -10.44 -1.98 14.48
C VAL B 56 -10.13 -2.73 15.77
N GLU B 57 -8.87 -2.72 16.20
CA GLU B 57 -8.49 -3.35 17.46
C GLU B 57 -9.25 -2.72 18.62
N PHE B 58 -9.15 -1.40 18.73
CA PHE B 58 -9.84 -0.64 19.78
C PHE B 58 -11.32 -0.94 19.82
N THR B 59 -11.96 -0.98 18.62
CA THR B 59 -13.36 -1.34 18.57
C THR B 59 -13.69 -2.72 19.14
N LYS B 60 -12.89 -3.73 18.76
CA LYS B 60 -13.21 -5.06 19.21
C LYS B 60 -13.10 -5.22 20.70
N LYS B 61 -12.34 -4.34 21.32
CA LYS B 61 -12.13 -4.38 22.80
C LYS B 61 -13.10 -3.52 23.56
N LEU B 62 -13.94 -2.76 22.84
CA LEU B 62 -14.84 -1.84 23.54
C LEU B 62 -15.84 -2.66 24.45
N PRO B 63 -16.12 -2.11 25.65
CA PRO B 63 -16.93 -2.90 26.66
C PRO B 63 -18.31 -3.27 26.08
N GLY B 64 -18.55 -4.58 26.01
CA GLY B 64 -19.81 -5.14 25.48
C GLY B 64 -19.92 -5.32 23.97
N PHE B 65 -18.92 -4.84 23.22
CA PHE B 65 -18.99 -4.86 21.77
C PHE B 65 -19.10 -6.29 21.29
N GLN B 66 -18.28 -7.18 21.80
CA GLN B 66 -18.37 -8.60 21.52
C GLN B 66 -19.70 -9.26 21.93
N THR B 67 -20.53 -8.60 22.72
CA THR B 67 -21.83 -9.18 23.11
C THR B 67 -22.89 -8.91 22.05
N LEU B 68 -22.58 -8.00 21.12
CA LEU B 68 -23.57 -7.62 20.11
C LEU B 68 -23.69 -8.66 19.02
N ASP B 69 -24.86 -8.71 18.38
CA ASP B 69 -25.07 -9.52 17.20
C ASP B 69 -23.95 -9.25 16.17
N HIS B 70 -23.42 -10.32 15.51
CA HIS B 70 -22.24 -10.23 14.64
C HIS B 70 -22.50 -9.36 13.38
N GLU B 71 -23.70 -9.47 12.82
CA GLU B 71 -24.03 -8.56 11.71
C GLU B 71 -24.13 -7.10 12.15
N ASP B 72 -24.61 -6.82 13.37
CA ASP B 72 -24.64 -5.47 13.82
C ASP B 72 -23.23 -4.96 14.14
N GLN B 73 -22.40 -5.83 14.69
CA GLN B 73 -20.97 -5.40 14.91
C GLN B 73 -20.35 -4.97 13.58
N ILE B 74 -20.48 -5.79 12.54
CA ILE B 74 -19.96 -5.39 11.20
C ILE B 74 -20.53 -4.01 10.78
N ALA B 75 -21.85 -3.82 10.92
CA ALA B 75 -22.45 -2.59 10.45
C ALA B 75 -22.06 -1.38 11.27
N LEU B 76 -21.87 -1.58 12.59
CA LEU B 76 -21.48 -0.48 13.45
C LEU B 76 -20.10 0.03 13.11
N LEU B 77 -19.18 -0.92 12.88
CA LEU B 77 -17.81 -0.50 12.59
C LEU B 77 -17.81 0.12 11.17
N LYS B 78 -18.51 -0.49 10.22
CA LYS B 78 -18.65 0.13 8.89
C LYS B 78 -19.16 1.60 8.97
N GLY B 79 -20.21 1.84 9.74
CA GLY B 79 -20.80 3.15 9.85
C GLY B 79 -19.98 4.23 10.55
N SER B 80 -19.12 3.76 11.47
CA SER B 80 -18.42 4.67 12.34
C SER B 80 -16.98 4.87 11.87
N ALA B 81 -16.45 3.96 11.02
CA ALA B 81 -15.00 4.00 10.78
C ALA B 81 -14.46 5.32 10.26
N VAL B 82 -15.13 5.93 9.30
CA VAL B 82 -14.62 7.20 8.74
C VAL B 82 -14.51 8.31 9.85
N GLU B 83 -15.59 8.49 10.62
CA GLU B 83 -15.62 9.59 11.63
C GLU B 83 -14.58 9.28 12.72
N ALA B 84 -14.47 8.01 13.11
CA ALA B 84 -13.46 7.64 14.06
C ALA B 84 -12.00 7.86 13.57
N MET B 85 -11.77 7.54 12.29
CA MET B 85 -10.44 7.86 11.65
C MET B 85 -10.22 9.39 11.63
N PHE B 86 -11.26 10.18 11.28
CA PHE B 86 -11.09 11.64 11.28
C PHE B 86 -10.65 12.14 12.67
N LEU B 87 -11.33 11.67 13.70
CA LEU B 87 -11.01 12.03 15.10
C LEU B 87 -9.61 11.62 15.47
N ARG B 88 -9.19 10.43 15.07
CA ARG B 88 -7.81 9.95 15.27
C ARG B 88 -6.85 10.88 14.60
N SER B 89 -7.16 11.29 13.39
CA SER B 89 -6.16 12.00 12.63
C SER B 89 -5.88 13.32 13.35
N ALA B 90 -6.90 13.84 14.03
CA ALA B 90 -6.77 15.15 14.69
C ALA B 90 -5.72 15.10 15.77
N GLU B 91 -5.73 14.01 16.53
CA GLU B 91 -4.76 13.76 17.58
C GLU B 91 -3.31 13.76 17.13
N ILE B 92 -3.08 13.23 15.93
CA ILE B 92 -1.77 13.35 15.30
C ILE B 92 -1.28 14.81 15.08
N PHE B 93 -2.18 15.78 14.87
CA PHE B 93 -1.73 17.20 14.76
C PHE B 93 -1.71 18.06 15.99
N ASN B 94 -2.25 17.58 17.10
CA ASN B 94 -2.47 18.46 18.22
C ASN B 94 -1.75 17.99 19.47
N SER B 102 5.25 16.81 12.74
CA SER B 102 3.92 17.21 12.24
C SER B 102 3.80 18.46 11.31
N ASP B 103 4.65 19.50 11.48
CA ASP B 103 4.68 20.58 10.45
C ASP B 103 5.12 19.93 9.08
N LEU B 104 6.09 19.04 9.12
CA LEU B 104 6.42 18.29 7.85
C LEU B 104 5.25 17.40 7.36
N LEU B 105 4.49 16.86 8.29
CA LEU B 105 3.40 15.96 7.94
C LEU B 105 2.36 16.75 7.14
N GLU B 106 2.06 17.96 7.60
CA GLU B 106 1.19 18.84 6.91
C GLU B 106 1.69 19.22 5.53
N GLU B 107 2.99 19.49 5.41
CA GLU B 107 3.47 19.83 4.09
C GLU B 107 3.34 18.59 3.20
N ARG B 108 3.55 17.37 3.73
CA ARG B 108 3.32 16.19 2.83
C ARG B 108 1.86 16.06 2.42
N ILE B 109 0.96 16.32 3.35
CA ILE B 109 -0.47 16.22 3.05
C ILE B 109 -0.85 17.22 1.94
N ARG B 110 -0.33 18.44 2.09
CA ARG B 110 -0.62 19.47 1.07
C ARG B 110 0.08 19.26 -0.29
N ASN B 111 0.97 18.28 -0.43
CA ASN B 111 1.42 17.97 -1.79
C ASN B 111 1.34 16.44 -2.03
N SER B 112 0.17 15.87 -1.96
CA SER B 112 0.14 14.39 -1.99
C SER B 112 -0.83 14.00 -3.06
N GLY B 113 -1.34 14.98 -3.79
CA GLY B 113 -2.43 14.68 -4.76
C GLY B 113 -3.82 14.74 -4.17
N ILE B 114 -3.90 14.92 -2.85
CA ILE B 114 -5.26 14.99 -2.25
C ILE B 114 -5.74 16.40 -2.47
N SER B 115 -7.04 16.51 -2.79
CA SER B 115 -7.66 17.76 -3.13
C SER B 115 -7.85 18.63 -1.89
N ASP B 116 -7.70 19.94 -2.07
CA ASP B 116 -8.03 20.87 -1.01
C ASP B 116 -9.48 20.69 -0.47
N GLU B 117 -10.40 20.27 -1.36
CA GLU B 117 -11.76 19.87 -0.98
C GLU B 117 -11.71 19.07 0.34
N TYR B 118 -10.73 18.16 0.51
CA TYR B 118 -10.65 17.36 1.71
C TYR B 118 -9.65 17.87 2.75
N ILE B 119 -8.70 18.70 2.38
CA ILE B 119 -7.71 19.09 3.34
C ILE B 119 -8.16 20.27 4.25
N THR B 120 -8.75 21.26 3.61
CA THR B 120 -9.28 22.45 4.30
C THR B 120 -10.24 22.09 5.46
N PRO B 121 -11.35 21.32 5.19
CA PRO B 121 -12.21 20.99 6.35
C PRO B 121 -11.51 20.29 7.45
N MET B 122 -10.52 19.44 7.11
CA MET B 122 -9.86 18.65 8.13
C MET B 122 -8.98 19.51 8.99
N PHE B 123 -8.15 20.35 8.36
CA PHE B 123 -7.37 21.34 9.13
C PHE B 123 -8.15 22.33 9.99
N SER B 124 -9.30 22.82 9.53
CA SER B 124 -10.12 23.66 10.45
C SER B 124 -10.66 22.85 11.61
N PHE B 125 -10.97 21.56 11.32
CA PHE B 125 -11.46 20.67 12.35
C PHE B 125 -10.38 20.49 13.40
N TYR B 126 -9.13 20.26 12.98
CA TYR B 126 -8.02 20.13 13.91
C TYR B 126 -7.90 21.37 14.82
N LYS B 127 -8.08 22.58 14.26
CA LYS B 127 -7.97 23.83 15.06
C LYS B 127 -9.04 23.84 16.15
N SER B 128 -10.26 23.48 15.76
CA SER B 128 -11.42 23.54 16.63
C SER B 128 -11.28 22.53 17.75
N ILE B 129 -10.62 21.41 17.46
CA ILE B 129 -10.28 20.40 18.43
C ILE B 129 -9.18 20.89 19.37
N GLY B 130 -8.17 21.57 18.85
CA GLY B 130 -7.07 22.08 19.70
C GLY B 130 -7.58 23.11 20.70
N GLU B 131 -8.59 23.90 20.28
CA GLU B 131 -9.21 24.94 21.11
C GLU B 131 -9.92 24.37 22.33
N LEU B 132 -10.41 23.13 22.21
CA LEU B 132 -11.16 22.47 23.29
C LEU B 132 -10.30 21.90 24.42
N LYS B 133 -8.99 21.95 24.24
CA LYS B 133 -7.98 21.46 25.20
C LYS B 133 -8.30 20.07 25.69
N MET B 134 -8.48 19.15 24.75
CA MET B 134 -8.96 17.82 25.10
C MET B 134 -7.90 16.96 25.75
N THR B 135 -8.23 16.44 26.95
CA THR B 135 -7.42 15.43 27.62
C THR B 135 -7.42 14.18 26.78
N GLN B 136 -6.40 13.36 26.99
CA GLN B 136 -6.40 11.99 26.51
C GLN B 136 -7.60 11.20 26.96
N GLU B 137 -8.03 11.38 28.22
CA GLU B 137 -9.22 10.64 28.66
C GLU B 137 -10.44 10.99 27.78
N GLU B 138 -10.56 12.29 27.47
CA GLU B 138 -11.64 12.84 26.62
C GLU B 138 -11.57 12.37 25.16
N TYR B 139 -10.38 12.24 24.58
CA TYR B 139 -10.29 11.66 23.24
C TYR B 139 -10.76 10.22 23.28
N ALA B 140 -10.32 9.48 24.30
CA ALA B 140 -10.53 8.06 24.29
C ALA B 140 -12.02 7.81 24.40
N LEU B 141 -12.67 8.57 25.28
CA LEU B 141 -14.11 8.34 25.48
C LEU B 141 -14.98 8.73 24.27
N LEU B 142 -14.64 9.87 23.70
CA LEU B 142 -15.32 10.36 22.55
C LEU B 142 -15.16 9.44 21.34
N THR B 143 -13.97 8.83 21.22
CA THR B 143 -13.80 7.82 20.19
C THR B 143 -14.71 6.60 20.41
N ALA B 144 -14.71 6.08 21.64
CA ALA B 144 -15.63 4.98 21.95
C ALA B 144 -17.09 5.39 21.68
N ILE B 145 -17.43 6.65 21.99
CA ILE B 145 -18.77 7.14 21.81
C ILE B 145 -19.16 7.24 20.37
N VAL B 146 -18.27 7.79 19.56
CA VAL B 146 -18.61 7.84 18.12
C VAL B 146 -18.71 6.46 17.47
N ILE B 147 -17.90 5.53 17.94
CA ILE B 147 -17.96 4.19 17.41
C ILE B 147 -19.29 3.47 17.79
N LEU B 148 -19.72 3.59 19.05
CA LEU B 148 -20.95 2.87 19.49
C LEU B 148 -22.14 3.80 19.23
N SER B 149 -22.27 4.36 18.02
CA SER B 149 -23.43 5.23 17.69
C SER B 149 -24.65 4.33 17.31
N PRO B 150 -25.75 4.43 18.09
CA PRO B 150 -26.90 3.50 17.85
C PRO B 150 -27.60 3.79 16.54
N ASP B 151 -27.35 4.96 15.92
CA ASP B 151 -28.03 5.32 14.63
C ASP B 151 -27.27 5.05 13.33
N ARG B 152 -26.25 4.21 13.34
CA ARG B 152 -25.55 3.92 12.07
C ARG B 152 -26.56 3.17 11.18
N GLN B 153 -26.45 3.31 9.88
CA GLN B 153 -27.32 2.49 9.03
C GLN B 153 -27.12 0.97 9.24
N TYR B 154 -28.20 0.19 9.05
CA TYR B 154 -28.10 -1.25 8.98
C TYR B 154 -27.99 -1.96 10.30
N ILE B 155 -28.29 -1.31 11.41
CA ILE B 155 -28.25 -1.95 12.73
C ILE B 155 -29.63 -2.54 13.06
N LYS B 156 -29.69 -3.85 13.24
CA LYS B 156 -30.99 -4.52 13.55
C LYS B 156 -31.47 -4.18 14.94
N ASP B 157 -30.57 -4.05 15.90
CA ASP B 157 -30.94 -3.88 17.33
C ASP B 157 -30.28 -2.64 17.93
N ARG B 158 -30.93 -1.51 17.72
CA ARG B 158 -30.34 -0.21 18.10
C ARG B 158 -30.25 -0.05 19.60
N GLU B 159 -31.24 -0.58 20.32
CA GLU B 159 -31.30 -0.48 21.76
C GLU B 159 -30.10 -1.15 22.46
N ALA B 160 -29.65 -2.28 21.92
CA ALA B 160 -28.46 -2.93 22.52
C ALA B 160 -27.22 -2.05 22.35
N VAL B 161 -27.13 -1.30 21.24
CA VAL B 161 -25.97 -0.41 21.08
C VAL B 161 -26.12 0.80 22.05
N GLU B 162 -27.35 1.34 22.16
CA GLU B 162 -27.63 2.36 23.16
C GLU B 162 -27.17 1.95 24.56
N LYS B 163 -27.40 0.70 24.94
CA LYS B 163 -26.97 0.25 26.26
C LYS B 163 -25.45 0.32 26.46
N LEU B 164 -24.68 0.11 25.39
CA LEU B 164 -23.19 0.17 25.48
C LEU B 164 -22.74 1.60 25.47
N GLN B 165 -23.42 2.45 24.71
CA GLN B 165 -22.99 3.86 24.56
C GLN B 165 -23.27 4.73 25.78
N GLU B 166 -24.47 4.57 26.31
CA GLU B 166 -24.94 5.41 27.40
C GLU B 166 -24.01 5.42 28.67
N PRO B 167 -23.49 4.27 29.14
CA PRO B 167 -22.52 4.36 30.25
C PRO B 167 -21.28 5.23 29.95
N LEU B 168 -20.84 5.25 28.68
CA LEU B 168 -19.68 6.02 28.31
C LEU B 168 -19.99 7.51 28.23
N LEU B 169 -21.18 7.84 27.71
CA LEU B 169 -21.66 9.20 27.74
C LEU B 169 -21.73 9.66 29.24
N ASP B 170 -22.13 8.79 30.16
CA ASP B 170 -22.25 9.23 31.58
C ASP B 170 -20.86 9.57 32.15
N VAL B 171 -19.93 8.66 31.92
CA VAL B 171 -18.56 8.86 32.36
C VAL B 171 -17.97 10.13 31.77
N LEU B 172 -18.16 10.39 30.46
CA LEU B 172 -17.58 11.60 29.91
C LEU B 172 -18.18 12.84 30.53
N GLN B 173 -19.49 12.83 30.72
CA GLN B 173 -20.14 14.03 31.26
C GLN B 173 -19.56 14.38 32.66
N LYS B 174 -19.32 13.35 33.46
CA LYS B 174 -18.76 13.51 34.84
C LYS B 174 -17.33 14.06 34.74
N LEU B 175 -16.56 13.55 33.77
CA LEU B 175 -15.21 14.08 33.56
C LEU B 175 -15.21 15.53 33.10
N CYS B 176 -16.20 15.95 32.32
CA CYS B 176 -16.26 17.36 31.91
C CYS B 176 -16.67 18.29 33.08
N LYS B 177 -17.34 17.73 34.07
CA LYS B 177 -17.73 18.51 35.23
C LYS B 177 -16.51 18.72 36.11
N ILE B 178 -15.80 17.62 36.43
CA ILE B 178 -14.64 17.64 37.26
C ILE B 178 -13.59 18.55 36.64
N HIS B 179 -13.21 18.27 35.42
CA HIS B 179 -12.02 18.96 34.87
C HIS B 179 -12.27 20.35 34.35
N GLN B 180 -13.55 20.71 34.17
CA GLN B 180 -13.84 22.02 33.65
C GLN B 180 -15.13 22.60 34.24
N PRO B 181 -15.15 22.79 35.57
CA PRO B 181 -16.33 23.34 36.30
C PRO B 181 -16.73 24.74 35.81
N GLU B 182 -15.76 25.53 35.36
CA GLU B 182 -16.03 26.89 34.87
C GLU B 182 -16.67 26.91 33.49
N ASN B 183 -16.71 25.74 32.85
CA ASN B 183 -17.35 25.61 31.55
C ASN B 183 -18.42 24.52 31.57
N PRO B 184 -19.68 24.93 31.85
CA PRO B 184 -20.76 23.95 31.92
C PRO B 184 -21.06 23.44 30.50
N GLN B 185 -20.61 24.18 29.48
CA GLN B 185 -20.85 23.81 28.08
C GLN B 185 -19.73 22.89 27.48
N HIS B 186 -18.74 22.48 28.27
CA HIS B 186 -17.70 21.61 27.78
C HIS B 186 -18.27 20.32 27.17
N PHE B 187 -19.14 19.59 27.89
CA PHE B 187 -19.66 18.29 27.38
C PHE B 187 -20.40 18.43 26.04
N ALA B 188 -21.31 19.39 25.97
CA ALA B 188 -22.03 19.69 24.74
C ALA B 188 -21.10 20.03 23.60
N GLU B 189 -20.05 20.78 23.91
CA GLU B 189 -19.16 21.21 22.87
C GLU B 189 -18.36 19.99 22.35
N LEU B 190 -18.02 19.04 23.22
CA LEU B 190 -17.39 17.80 22.69
C LEU B 190 -18.29 17.06 21.71
N LEU B 191 -19.55 16.82 22.10
CA LEU B 191 -20.55 16.18 21.23
C LEU B 191 -20.82 16.97 19.97
N GLY B 192 -20.75 18.32 20.06
CA GLY B 192 -20.81 19.18 18.87
C GLY B 192 -19.71 18.88 17.83
N ARG B 193 -18.54 18.45 18.26
CA ARG B 193 -17.47 18.13 17.28
C ARG B 193 -17.90 16.82 16.52
N LEU B 194 -18.50 15.89 17.22
CA LEU B 194 -18.95 14.68 16.52
C LEU B 194 -20.09 15.01 15.55
N THR B 195 -20.99 15.90 15.98
CA THR B 195 -22.05 16.34 15.08
C THR B 195 -21.47 16.96 13.81
N GLU B 196 -20.44 17.78 13.98
CA GLU B 196 -19.73 18.41 12.90
C GLU B 196 -19.09 17.36 11.93
N LEU B 197 -18.49 16.32 12.47
CA LEU B 197 -17.85 15.30 11.59
C LEU B 197 -18.86 14.67 10.71
N ARG B 198 -20.09 14.48 11.21
CA ARG B 198 -21.11 13.79 10.36
C ARG B 198 -21.46 14.61 9.13
N THR B 199 -21.28 15.93 9.24
CA THR B 199 -21.54 16.79 8.09
C THR B 199 -20.43 16.78 7.02
N PHE B 200 -19.26 16.21 7.34
CA PHE B 200 -18.15 16.19 6.37
C PHE B 200 -18.42 15.30 5.23
N ASN B 201 -17.82 15.63 4.08
CA ASN B 201 -17.82 14.74 2.94
C ASN B 201 -17.00 13.46 3.33
N HIS B 202 -17.66 12.32 3.36
CA HIS B 202 -17.07 11.00 3.69
C HIS B 202 -16.59 10.26 2.42
N HIS B 203 -16.90 10.76 1.21
CA HIS B 203 -16.68 9.89 0.01
C HIS B 203 -15.19 9.52 -0.28
N HIS B 204 -14.29 10.47 -0.12
CA HIS B 204 -12.88 10.26 -0.36
C HIS B 204 -12.36 9.18 0.69
N ALA B 205 -12.67 9.38 1.96
CA ALA B 205 -12.27 8.46 3.03
C ALA B 205 -12.83 7.05 2.76
N GLU B 206 -14.09 6.94 2.31
CA GLU B 206 -14.65 5.65 2.02
C GLU B 206 -13.95 4.99 0.86
N MET B 207 -13.49 5.76 -0.11
CA MET B 207 -12.75 5.19 -1.23
C MET B 207 -11.42 4.62 -0.64
N LEU B 208 -10.73 5.36 0.21
CA LEU B 208 -9.48 4.88 0.76
C LEU B 208 -9.53 3.76 1.81
N MET B 209 -10.67 3.59 2.43
CA MET B 209 -10.70 2.84 3.68
C MET B 209 -10.27 1.38 3.58
N SER B 210 -10.40 0.82 2.39
CA SER B 210 -9.98 -0.60 2.18
C SER B 210 -8.53 -0.77 1.74
N TRP B 211 -7.85 0.32 1.32
CA TRP B 211 -6.47 0.20 0.84
C TRP B 211 -5.48 0.07 1.97
N ARG B 212 -4.41 -0.74 1.74
CA ARG B 212 -3.40 -1.03 2.80
C ARG B 212 -2.04 -0.75 2.14
N VAL B 213 -1.26 0.10 2.79
CA VAL B 213 -0.01 0.58 2.18
C VAL B 213 1.06 0.34 3.27
N ASN B 214 2.15 -0.34 2.89
CA ASN B 214 3.22 -0.65 3.90
C ASN B 214 4.53 -0.52 3.13
N ASP B 215 5.54 0.10 3.77
CA ASP B 215 6.87 0.24 3.12
C ASP B 215 7.78 -0.92 3.68
N HIS B 216 8.41 -1.70 2.80
CA HIS B 216 9.31 -2.75 3.28
C HIS B 216 10.77 -2.45 2.96
N LYS B 217 11.17 -1.18 3.00
CA LYS B 217 12.52 -0.71 2.53
C LYS B 217 13.67 -1.30 3.40
N THR B 219 14.38 -4.12 4.35
CA THR B 219 14.53 -5.59 4.15
C THR B 219 14.88 -5.86 2.69
N PRO B 220 15.95 -6.65 2.43
CA PRO B 220 16.28 -6.98 1.02
C PRO B 220 15.11 -7.73 0.36
N LEU B 221 14.90 -7.40 -0.92
CA LEU B 221 13.85 -8.12 -1.67
C LEU B 221 13.95 -9.59 -1.42
N LEU B 222 15.19 -10.10 -1.53
CA LEU B 222 15.34 -11.54 -1.50
C LEU B 222 14.87 -12.18 -0.17
N GLU B 223 14.96 -11.44 0.94
CA GLU B 223 14.64 -11.94 2.29
C GLU B 223 13.23 -11.56 2.76
N GLU B 224 12.54 -10.76 1.95
CA GLU B 224 11.16 -10.37 2.30
C GLU B 224 10.19 -11.54 2.43
N ILE B 225 9.28 -11.42 3.39
CA ILE B 225 8.30 -12.44 3.64
C ILE B 225 7.00 -12.03 3.05
N TRP B 226 6.36 -12.90 2.27
CA TRP B 226 5.09 -12.56 1.60
C TRP B 226 3.98 -13.36 2.29
#